data_7ZWJ
#
_entry.id   7ZWJ
#
_entity_poly.entity_id   1
_entity_poly.type   'polypeptide(L)'
_entity_poly.pdbx_seq_one_letter_code
;SKKSKPGDGIRGKGVRG
;
_entity_poly.pdbx_strand_id   A
#
# COMPACT_ATOMS: atom_id res chain seq x y z
N SER A 1 2.69 1.28 0.19
CA SER A 1 3.85 1.76 0.91
C SER A 1 4.08 0.93 2.16
N LYS A 2 3.80 -0.38 2.06
CA LYS A 2 4.11 -1.40 3.07
C LYS A 2 3.34 -1.16 4.37
N LYS A 3 2.04 -1.43 4.35
CA LYS A 3 1.17 -1.45 5.51
C LYS A 3 0.03 -2.42 5.20
N SER A 4 -1.19 -1.94 4.96
CA SER A 4 -2.40 -2.70 4.70
C SER A 4 -3.43 -1.71 4.15
N LYS A 5 -3.80 -1.89 2.88
CA LYS A 5 -4.79 -1.20 2.07
C LYS A 5 -4.52 -1.82 0.68
N PRO A 6 -5.28 -1.53 -0.41
CA PRO A 6 -5.32 -2.44 -1.56
C PRO A 6 -4.37 -1.97 -2.68
N GLY A 7 -3.74 -0.82 -2.47
CA GLY A 7 -2.91 -0.11 -3.41
C GLY A 7 -1.89 0.61 -2.55
N ASP A 8 -0.71 0.92 -3.10
CA ASP A 8 0.33 1.68 -2.44
C ASP A 8 0.98 2.55 -3.52
N GLY A 9 1.42 1.91 -4.60
CA GLY A 9 2.20 2.52 -5.66
C GLY A 9 3.48 1.71 -5.79
N ILE A 10 3.85 1.10 -4.67
CA ILE A 10 4.83 0.02 -4.58
C ILE A 10 3.93 -1.22 -4.55
N ARG A 11 3.39 -1.54 -5.72
CA ARG A 11 2.32 -2.49 -5.96
C ARG A 11 1.15 -2.18 -5.03
N GLY A 12 0.68 -3.19 -4.31
CA GLY A 12 -0.46 -3.16 -3.40
C GLY A 12 0.00 -3.68 -2.04
N LYS A 13 1.12 -3.13 -1.56
CA LYS A 13 1.74 -3.51 -0.29
C LYS A 13 1.07 -2.74 0.86
N GLY A 14 0.23 -1.79 0.47
CA GLY A 14 -0.74 -1.09 1.30
C GLY A 14 -0.24 0.31 1.60
N VAL A 15 -1.01 1.33 1.22
CA VAL A 15 -0.68 2.73 1.45
C VAL A 15 -0.69 3.01 2.97
N ARG A 16 0.03 4.02 3.44
CA ARG A 16 0.14 4.36 4.85
C ARG A 16 -0.88 5.44 5.17
N GLY A 17 -1.92 5.06 5.89
CA GLY A 17 -3.00 5.87 6.39
C GLY A 17 -3.70 4.79 7.19
N SER A 1 2.98 1.44 -0.17
CA SER A 1 4.04 2.03 0.64
C SER A 1 4.52 1.03 1.70
N LYS A 2 3.58 0.26 2.30
CA LYS A 2 3.68 -0.82 3.29
C LYS A 2 2.69 -0.54 4.43
N LYS A 3 1.53 -1.19 4.38
CA LYS A 3 0.52 -1.25 5.43
C LYS A 3 -0.30 -2.49 5.06
N SER A 4 -1.63 -2.40 4.99
CA SER A 4 -2.55 -3.48 4.63
C SER A 4 -3.88 -2.82 4.23
N LYS A 5 -3.82 -1.94 3.23
CA LYS A 5 -4.94 -1.28 2.58
C LYS A 5 -4.55 -1.37 1.10
N PRO A 6 -5.42 -1.76 0.15
CA PRO A 6 -5.01 -2.34 -1.12
C PRO A 6 -4.53 -1.30 -2.16
N GLY A 7 -3.22 -1.20 -2.33
CA GLY A 7 -2.54 -0.40 -3.33
C GLY A 7 -1.19 -0.13 -2.69
N ASP A 8 -0.46 0.90 -3.15
CA ASP A 8 0.58 1.59 -2.41
C ASP A 8 0.94 2.79 -3.25
N GLY A 9 1.06 2.52 -4.56
CA GLY A 9 1.59 3.42 -5.57
C GLY A 9 2.80 2.74 -6.19
N ILE A 10 3.40 1.85 -5.38
CA ILE A 10 4.49 0.97 -5.72
C ILE A 10 3.90 -0.44 -5.54
N ARG A 11 3.17 -0.87 -6.57
CA ARG A 11 2.40 -2.10 -6.63
C ARG A 11 1.34 -2.12 -5.53
N GLY A 12 1.25 -3.21 -4.77
CA GLY A 12 0.17 -3.54 -3.84
C GLY A 12 0.76 -3.81 -2.45
N LYS A 13 1.74 -2.99 -2.07
CA LYS A 13 2.59 -3.22 -0.90
C LYS A 13 1.83 -2.89 0.38
N GLY A 14 0.92 -1.94 0.28
CA GLY A 14 -0.08 -1.55 1.25
C GLY A 14 -0.09 -0.02 1.33
N VAL A 15 -1.24 0.63 1.20
CA VAL A 15 -1.35 2.09 1.24
C VAL A 15 -1.14 2.57 2.70
N ARG A 16 -0.05 3.28 3.01
CA ARG A 16 0.02 4.09 4.21
C ARG A 16 -0.89 5.30 4.03
N GLY A 17 -1.99 5.31 4.76
CA GLY A 17 -3.14 6.16 4.63
C GLY A 17 -4.06 5.30 5.48
N SER A 1 2.83 1.36 0.16
CA SER A 1 4.02 1.83 0.85
C SER A 1 4.24 1.01 2.13
N LYS A 2 3.82 -0.26 2.07
CA LYS A 2 4.04 -1.30 3.09
C LYS A 2 3.21 -1.00 4.35
N LYS A 3 1.93 -1.38 4.32
CA LYS A 3 1.03 -1.36 5.45
C LYS A 3 -0.02 -2.46 5.21
N SER A 4 -1.28 -2.10 5.03
CA SER A 4 -2.40 -2.92 4.59
C SER A 4 -3.42 -1.89 4.11
N LYS A 5 -3.84 -1.98 2.84
CA LYS A 5 -4.81 -1.21 2.09
C LYS A 5 -4.61 -1.81 0.69
N PRO A 6 -5.37 -1.46 -0.37
CA PRO A 6 -5.47 -2.32 -1.55
C PRO A 6 -4.49 -1.89 -2.66
N GLY A 7 -3.77 -0.80 -2.42
CA GLY A 7 -2.88 -0.14 -3.34
C GLY A 7 -1.85 0.54 -2.46
N ASP A 8 -0.64 0.78 -2.98
CA ASP A 8 0.40 1.57 -2.33
C ASP A 8 0.97 2.52 -3.39
N GLY A 9 1.35 1.95 -4.53
CA GLY A 9 2.04 2.64 -5.61
C GLY A 9 3.28 1.82 -5.91
N ILE A 10 3.77 1.15 -4.87
CA ILE A 10 4.76 0.09 -4.92
C ILE A 10 3.91 -1.16 -4.79
N ARG A 11 3.25 -1.49 -5.90
CA ARG A 11 2.20 -2.50 -6.03
C ARG A 11 1.09 -2.21 -5.01
N GLY A 12 0.65 -3.23 -4.29
CA GLY A 12 -0.46 -3.24 -3.36
C GLY A 12 0.03 -3.76 -2.02
N LYS A 13 1.12 -3.16 -1.54
CA LYS A 13 1.76 -3.52 -0.28
C LYS A 13 1.06 -2.80 0.89
N GLY A 14 0.20 -1.86 0.51
CA GLY A 14 -0.74 -1.14 1.35
C GLY A 14 -0.21 0.26 1.58
N VAL A 15 -0.99 1.28 1.29
CA VAL A 15 -0.56 2.66 1.39
C VAL A 15 -0.34 3.03 2.86
N ARG A 16 0.67 3.85 3.18
CA ARG A 16 0.78 4.50 4.48
C ARG A 16 -0.07 5.76 4.41
N GLY A 17 -1.29 5.65 4.91
CA GLY A 17 -2.43 6.50 4.76
C GLY A 17 -3.43 5.44 5.15
N SER A 1 2.44 1.14 -0.41
CA SER A 1 3.62 1.63 0.26
C SER A 1 3.62 1.28 1.76
N LYS A 2 3.42 -0.01 2.03
CA LYS A 2 3.81 -0.72 3.25
C LYS A 2 2.88 -0.40 4.43
N LYS A 3 1.76 -1.13 4.51
CA LYS A 3 0.79 -1.13 5.58
C LYS A 3 0.06 -2.47 5.44
N SER A 4 -1.22 -2.47 5.06
CA SER A 4 -2.11 -3.61 4.82
C SER A 4 -3.42 -3.00 4.30
N LYS A 5 -3.35 -2.37 3.13
CA LYS A 5 -4.43 -1.70 2.43
C LYS A 5 -4.05 -1.88 0.95
N PRO A 6 -4.97 -1.73 -0.01
CA PRO A 6 -4.66 -1.87 -1.42
C PRO A 6 -4.11 -0.57 -2.03
N GLY A 7 -3.32 -0.68 -3.10
CA GLY A 7 -2.95 0.42 -3.96
C GLY A 7 -1.71 1.14 -3.44
N ASP A 8 -0.57 0.44 -3.44
CA ASP A 8 0.65 0.90 -2.78
C ASP A 8 1.62 1.44 -3.82
N GLY A 9 1.46 0.96 -5.05
CA GLY A 9 2.40 1.18 -6.15
C GLY A 9 3.48 0.10 -6.12
N ILE A 10 3.25 -0.87 -5.24
CA ILE A 10 4.08 -2.03 -4.93
C ILE A 10 3.04 -3.16 -4.76
N ARG A 11 2.09 -3.19 -5.68
CA ARG A 11 0.83 -3.93 -5.62
C ARG A 11 -0.01 -3.38 -4.45
N GLY A 12 -0.42 -4.24 -3.54
CA GLY A 12 -1.38 -3.97 -2.48
C GLY A 12 -0.75 -4.27 -1.13
N LYS A 13 0.45 -3.73 -0.92
CA LYS A 13 1.26 -3.95 0.27
C LYS A 13 0.99 -2.86 1.31
N GLY A 14 0.25 -1.84 0.93
CA GLY A 14 -0.19 -0.77 1.80
C GLY A 14 -0.79 0.36 0.98
N VAL A 15 -0.74 1.56 1.55
CA VAL A 15 -0.91 2.86 0.95
C VAL A 15 -0.35 3.72 2.09
N ARG A 16 -0.33 5.04 1.95
CA ARG A 16 -0.09 5.98 3.03
C ARG A 16 -1.37 6.80 3.12
N GLY A 17 -2.27 6.37 4.00
CA GLY A 17 -3.65 6.67 4.15
C GLY A 17 -3.92 5.44 5.02
N SER A 1 2.60 0.79 -0.28
CA SER A 1 3.71 1.49 0.35
C SER A 1 3.72 1.21 1.86
N LYS A 2 3.45 -0.05 2.19
CA LYS A 2 3.81 -0.72 3.44
C LYS A 2 2.83 -0.40 4.58
N LYS A 3 1.73 -1.16 4.62
CA LYS A 3 0.71 -1.17 5.66
C LYS A 3 -0.01 -2.52 5.48
N SER A 4 -1.30 -2.51 5.12
CA SER A 4 -2.17 -3.64 4.84
C SER A 4 -3.48 -3.04 4.31
N LYS A 5 -3.41 -2.40 3.15
CA LYS A 5 -4.48 -1.72 2.45
C LYS A 5 -4.10 -1.89 0.97
N PRO A 6 -5.02 -1.75 0.00
CA PRO A 6 -4.71 -1.91 -1.41
C PRO A 6 -4.16 -0.61 -2.03
N GLY A 7 -3.39 -0.74 -3.12
CA GLY A 7 -2.98 0.36 -3.96
C GLY A 7 -1.79 1.10 -3.37
N ASP A 8 -0.61 0.46 -3.36
CA ASP A 8 0.56 0.97 -2.66
C ASP A 8 1.40 1.80 -3.62
N GLY A 9 1.46 1.32 -4.86
CA GLY A 9 2.37 1.77 -5.91
C GLY A 9 3.15 0.53 -6.34
N ILE A 10 3.37 -0.37 -5.38
CA ILE A 10 3.98 -1.68 -5.53
C ILE A 10 2.90 -2.64 -5.03
N ARG A 11 1.94 -2.95 -5.91
CA ARG A 11 0.79 -3.80 -5.66
C ARG A 11 -0.07 -3.23 -4.52
N GLY A 12 -0.39 -4.06 -3.53
CA GLY A 12 -1.30 -3.78 -2.44
C GLY A 12 -0.63 -4.14 -1.12
N LYS A 13 0.57 -3.59 -0.94
CA LYS A 13 1.39 -3.84 0.24
C LYS A 13 1.06 -2.82 1.34
N GLY A 14 0.27 -1.82 1.00
CA GLY A 14 -0.23 -0.81 1.88
C GLY A 14 -0.81 0.33 1.07
N VAL A 15 -0.79 1.52 1.65
CA VAL A 15 -0.92 2.82 1.03
C VAL A 15 -0.41 3.68 2.19
N ARG A 16 -0.31 5.00 2.02
CA ARG A 16 -0.06 5.95 3.09
C ARG A 16 -1.34 6.78 3.18
N GLY A 17 -2.25 6.32 4.03
CA GLY A 17 -3.63 6.64 4.19
C GLY A 17 -3.91 5.41 5.04
N SER A 1 2.74 1.29 0.11
CA SER A 1 3.71 2.02 0.91
C SER A 1 4.00 1.22 2.20
N LYS A 2 3.75 -0.09 2.13
CA LYS A 2 4.09 -1.09 3.14
C LYS A 2 3.28 -0.89 4.43
N LYS A 3 2.00 -1.19 4.37
CA LYS A 3 1.14 -1.42 5.54
C LYS A 3 0.11 -2.46 5.12
N SER A 4 -1.11 -2.05 4.76
CA SER A 4 -2.26 -2.88 4.39
C SER A 4 -3.40 -1.93 4.03
N LYS A 5 -3.88 -2.03 2.79
CA LYS A 5 -5.06 -1.48 2.14
C LYS A 5 -4.76 -1.77 0.66
N PRO A 6 -5.73 -1.82 -0.26
CA PRO A 6 -5.51 -2.36 -1.60
C PRO A 6 -4.85 -1.35 -2.55
N GLY A 7 -3.53 -1.18 -2.43
CA GLY A 7 -2.70 -0.39 -3.31
C GLY A 7 -1.39 -0.19 -2.58
N ASP A 8 -0.66 0.89 -2.86
CA ASP A 8 0.36 1.44 -1.99
C ASP A 8 0.67 2.84 -2.50
N GLY A 9 0.72 2.95 -3.83
CA GLY A 9 1.07 4.15 -4.57
C GLY A 9 2.38 3.87 -5.28
N ILE A 10 3.10 2.87 -4.77
CA ILE A 10 4.35 2.34 -5.26
C ILE A 10 4.11 0.83 -5.31
N ARG A 11 3.30 0.43 -6.29
CA ARG A 11 2.77 -0.90 -6.52
C ARG A 11 1.66 -1.22 -5.51
N GLY A 12 1.71 -2.38 -4.85
CA GLY A 12 0.58 -3.02 -4.21
C GLY A 12 0.99 -3.60 -2.85
N LYS A 13 1.80 -2.82 -2.13
CA LYS A 13 2.54 -3.27 -0.94
C LYS A 13 1.76 -3.01 0.34
N GLY A 14 0.70 -2.23 0.24
CA GLY A 14 -0.25 -1.89 1.29
C GLY A 14 -0.23 -0.36 1.49
N VAL A 15 -1.38 0.33 1.45
CA VAL A 15 -1.41 1.79 1.57
C VAL A 15 -1.18 2.18 3.04
N ARG A 16 -0.30 3.15 3.32
CA ARG A 16 -0.28 3.88 4.57
C ARG A 16 -1.34 4.97 4.49
N GLY A 17 -2.54 4.67 4.95
CA GLY A 17 -3.73 5.47 4.95
C GLY A 17 -4.64 4.42 5.55
N SER A 1 2.68 1.36 0.22
CA SER A 1 3.75 2.00 0.99
C SER A 1 4.07 1.16 2.24
N LYS A 2 3.76 -0.13 2.14
CA LYS A 2 4.06 -1.17 3.12
C LYS A 2 3.32 -0.96 4.44
N LYS A 3 2.00 -0.98 4.37
CA LYS A 3 1.14 -1.39 5.48
C LYS A 3 0.11 -2.37 4.93
N SER A 4 -1.16 -1.99 4.74
CA SER A 4 -2.28 -2.87 4.42
C SER A 4 -3.51 -2.02 4.13
N LYS A 5 -3.80 -1.80 2.84
CA LYS A 5 -5.01 -1.30 2.23
C LYS A 5 -4.71 -1.57 0.76
N PRO A 6 -5.68 -1.66 -0.16
CA PRO A 6 -5.46 -2.29 -1.46
C PRO A 6 -4.80 -1.36 -2.50
N GLY A 7 -3.47 -1.31 -2.49
CA GLY A 7 -2.62 -0.63 -3.45
C GLY A 7 -1.32 -0.37 -2.71
N ASP A 8 -0.52 0.60 -3.13
CA ASP A 8 0.36 1.36 -2.28
C ASP A 8 0.70 2.59 -3.11
N GLY A 9 1.09 2.36 -4.37
CA GLY A 9 1.40 3.40 -5.34
C GLY A 9 2.90 3.37 -5.60
N ILE A 10 3.59 2.67 -4.71
CA ILE A 10 4.98 2.23 -4.82
C ILE A 10 4.81 0.72 -4.86
N ARG A 11 4.36 0.24 -6.02
CA ARG A 11 3.82 -1.08 -6.28
C ARG A 11 2.54 -1.26 -5.43
N GLY A 12 2.35 -2.44 -4.85
CA GLY A 12 1.11 -2.90 -4.26
C GLY A 12 1.40 -3.53 -2.90
N LYS A 13 2.19 -2.83 -2.09
CA LYS A 13 2.80 -3.35 -0.87
C LYS A 13 1.87 -3.23 0.33
N GLY A 14 0.80 -2.46 0.14
CA GLY A 14 -0.23 -2.13 1.11
C GLY A 14 -0.17 -0.63 1.39
N VAL A 15 -1.27 0.11 1.21
CA VAL A 15 -1.28 1.57 1.40
C VAL A 15 -1.11 1.89 2.90
N ARG A 16 -0.41 2.98 3.25
CA ARG A 16 -0.41 3.55 4.58
C ARG A 16 -1.54 4.57 4.61
N GLY A 17 -2.56 4.31 5.42
CA GLY A 17 -3.80 4.99 5.58
C GLY A 17 -4.37 3.99 6.58
N SER A 1 2.74 1.38 -0.46
CA SER A 1 3.96 1.47 0.32
C SER A 1 3.78 1.10 1.79
N LYS A 2 3.58 -0.20 2.03
CA LYS A 2 3.92 -0.94 3.24
C LYS A 2 3.00 -0.60 4.42
N LYS A 3 1.89 -1.33 4.52
CA LYS A 3 0.90 -1.26 5.59
C LYS A 3 0.05 -2.53 5.41
N SER A 4 -1.23 -2.39 5.07
CA SER A 4 -2.23 -3.41 4.76
C SER A 4 -3.44 -2.61 4.26
N LYS A 5 -3.31 -2.04 3.06
CA LYS A 5 -4.28 -1.23 2.35
C LYS A 5 -3.98 -1.54 0.88
N PRO A 6 -4.87 -1.28 -0.10
CA PRO A 6 -4.92 -2.10 -1.30
C PRO A 6 -4.19 -1.51 -2.51
N GLY A 7 -3.59 -0.33 -2.37
CA GLY A 7 -3.00 0.40 -3.49
C GLY A 7 -1.91 1.32 -2.96
N ASP A 8 -0.66 0.98 -3.27
CA ASP A 8 0.52 1.46 -2.56
C ASP A 8 1.33 2.35 -3.50
N GLY A 9 1.13 2.15 -4.81
CA GLY A 9 1.87 2.82 -5.87
C GLY A 9 3.12 2.01 -6.22
N ILE A 10 3.17 0.82 -5.63
CA ILE A 10 4.24 -0.15 -5.64
C ILE A 10 3.53 -1.46 -5.24
N ARG A 11 2.56 -1.81 -6.09
CA ARG A 11 1.56 -2.85 -5.91
C ARG A 11 0.56 -2.41 -4.84
N GLY A 12 0.19 -3.30 -3.92
CA GLY A 12 -0.91 -3.13 -2.99
C GLY A 12 -0.51 -3.75 -1.66
N LYS A 13 0.65 -3.35 -1.16
CA LYS A 13 1.26 -3.84 0.07
C LYS A 13 1.01 -2.86 1.21
N GLY A 14 0.30 -1.78 0.91
CA GLY A 14 -0.08 -0.76 1.86
C GLY A 14 -0.52 0.48 1.14
N VAL A 15 -0.24 1.63 1.75
CA VAL A 15 -0.19 2.98 1.26
C VAL A 15 0.52 3.63 2.46
N ARG A 16 0.79 4.93 2.44
CA ARG A 16 1.23 5.71 3.59
C ARG A 16 0.05 6.61 3.91
N GLY A 17 -0.80 6.17 4.83
CA GLY A 17 -2.12 6.64 5.10
C GLY A 17 -2.59 5.42 5.88
N SER A 1 2.69 1.31 0.23
CA SER A 1 3.85 1.79 0.97
C SER A 1 4.14 0.89 2.16
N LYS A 2 3.83 -0.42 2.03
CA LYS A 2 4.12 -1.47 3.00
C LYS A 2 3.34 -1.24 4.31
N LYS A 3 2.03 -1.49 4.27
CA LYS A 3 1.14 -1.50 5.42
C LYS A 3 -0.04 -2.42 5.07
N SER A 4 -1.26 -1.89 5.02
CA SER A 4 -2.51 -2.60 4.85
C SER A 4 -3.49 -1.63 4.23
N LYS A 5 -3.82 -1.83 2.96
CA LYS A 5 -4.79 -1.16 2.09
C LYS A 5 -4.51 -1.82 0.73
N PRO A 6 -5.24 -1.55 -0.37
CA PRO A 6 -5.27 -2.48 -1.51
C PRO A 6 -4.32 -2.04 -2.62
N GLY A 7 -3.69 -0.90 -2.44
CA GLY A 7 -2.87 -0.20 -3.41
C GLY A 7 -1.82 0.53 -2.58
N ASP A 8 -0.66 0.81 -3.15
CA ASP A 8 0.37 1.65 -2.56
C ASP A 8 1.01 2.41 -3.72
N GLY A 9 1.47 1.68 -4.73
CA GLY A 9 2.08 2.27 -5.93
C GLY A 9 3.36 1.52 -6.26
N ILE A 10 3.78 0.67 -5.34
CA ILE A 10 4.91 -0.24 -5.44
C ILE A 10 4.33 -1.65 -5.42
N ARG A 11 3.23 -1.79 -6.17
CA ARG A 11 2.21 -2.82 -6.17
C ARG A 11 1.22 -2.45 -5.06
N GLY A 12 0.63 -3.45 -4.41
CA GLY A 12 -0.49 -3.34 -3.48
C GLY A 12 -0.02 -3.77 -2.10
N LYS A 13 1.07 -3.13 -1.66
CA LYS A 13 1.76 -3.46 -0.42
C LYS A 13 1.09 -2.73 0.75
N GLY A 14 0.23 -1.79 0.40
CA GLY A 14 -0.73 -1.12 1.25
C GLY A 14 -0.23 0.26 1.59
N VAL A 15 -0.97 1.29 1.22
CA VAL A 15 -0.62 2.68 1.45
C VAL A 15 -0.62 2.97 2.97
N ARG A 16 0.14 3.96 3.44
CA ARG A 16 0.24 4.29 4.84
C ARG A 16 -0.76 5.40 5.15
N GLY A 17 -1.82 5.04 5.87
CA GLY A 17 -2.88 5.87 6.36
C GLY A 17 -3.62 4.80 7.16
N SER A 1 2.96 1.35 -0.21
CA SER A 1 3.92 1.98 0.67
C SER A 1 4.03 1.22 2.00
N LYS A 2 3.69 -0.08 1.96
CA LYS A 2 3.86 -1.07 3.02
C LYS A 2 2.94 -0.77 4.21
N LYS A 3 1.69 -1.23 4.13
CA LYS A 3 0.81 -1.41 5.27
C LYS A 3 -0.20 -2.51 4.89
N SER A 4 -1.51 -2.25 4.89
CA SER A 4 -2.56 -3.25 4.67
C SER A 4 -3.89 -2.52 4.38
N LYS A 5 -3.91 -1.78 3.28
CA LYS A 5 -5.10 -1.30 2.59
C LYS A 5 -4.64 -1.41 1.13
N PRO A 6 -5.48 -1.82 0.16
CA PRO A 6 -5.00 -2.34 -1.11
C PRO A 6 -4.48 -1.27 -2.08
N GLY A 7 -3.16 -1.29 -2.35
CA GLY A 7 -2.50 -0.48 -3.35
C GLY A 7 -1.07 -0.27 -2.86
N ASP A 8 -0.54 0.95 -3.00
CA ASP A 8 0.53 1.51 -2.19
C ASP A 8 0.64 2.99 -2.55
N GLY A 9 0.31 3.30 -3.80
CA GLY A 9 0.24 4.64 -4.36
C GLY A 9 0.88 4.61 -5.75
N ILE A 10 1.68 3.58 -5.94
CA ILE A 10 2.43 3.09 -7.07
C ILE A 10 2.46 1.61 -6.67
N ARG A 11 3.12 0.73 -7.43
CA ARG A 11 3.52 -0.62 -7.01
C ARG A 11 2.31 -1.47 -6.59
N GLY A 12 2.32 -1.93 -5.35
CA GLY A 12 1.38 -2.87 -4.75
C GLY A 12 2.09 -3.50 -3.56
N LYS A 13 1.92 -2.92 -2.37
CA LYS A 13 2.50 -3.41 -1.12
C LYS A 13 1.73 -2.98 0.14
N GLY A 14 0.72 -2.13 -0.02
CA GLY A 14 -0.22 -1.72 1.02
C GLY A 14 -0.17 -0.20 1.14
N VAL A 15 -1.31 0.49 1.13
CA VAL A 15 -1.39 1.94 1.25
C VAL A 15 -1.05 2.33 2.69
N ARG A 16 0.09 2.99 2.93
CA ARG A 16 0.40 3.64 4.18
C ARG A 16 -0.23 5.04 4.11
N GLY A 17 -1.39 5.19 4.72
CA GLY A 17 -2.30 6.30 4.65
C GLY A 17 -3.46 5.57 5.33
N SER A 1 3.07 1.31 -0.14
CA SER A 1 4.32 1.70 0.50
C SER A 1 4.29 1.25 1.97
N LYS A 2 3.76 0.03 2.17
CA LYS A 2 3.92 -0.82 3.34
C LYS A 2 2.92 -0.48 4.46
N LYS A 3 1.78 -1.18 4.44
CA LYS A 3 0.86 -1.33 5.56
C LYS A 3 -0.02 -2.55 5.21
N SER A 4 -1.31 -2.34 4.95
CA SER A 4 -2.31 -3.28 4.46
C SER A 4 -3.52 -2.41 4.10
N LYS A 5 -3.73 -2.15 2.80
CA LYS A 5 -4.84 -1.46 2.19
C LYS A 5 -4.66 -1.82 0.71
N PRO A 6 -5.65 -1.67 -0.18
CA PRO A 6 -5.56 -2.18 -1.55
C PRO A 6 -4.87 -1.18 -2.49
N GLY A 7 -3.56 -0.96 -2.29
CA GLY A 7 -2.74 -0.14 -3.15
C GLY A 7 -1.42 0.04 -2.41
N ASP A 8 -0.61 1.03 -2.79
CA ASP A 8 0.53 1.54 -2.03
C ASP A 8 1.02 2.76 -2.79
N GLY A 9 0.96 2.64 -4.13
CA GLY A 9 1.37 3.65 -5.09
C GLY A 9 2.24 2.95 -6.12
N ILE A 10 2.89 1.88 -5.66
CA ILE A 10 3.74 0.96 -6.40
C ILE A 10 3.33 -0.39 -5.84
N ARG A 11 2.88 -1.32 -6.67
CA ARG A 11 2.30 -2.62 -6.31
C ARG A 11 1.12 -2.47 -5.31
N GLY A 12 0.93 -3.45 -4.41
CA GLY A 12 -0.18 -3.53 -3.47
C GLY A 12 0.35 -3.89 -2.09
N LYS A 13 1.30 -3.10 -1.60
CA LYS A 13 2.08 -3.38 -0.40
C LYS A 13 1.41 -2.79 0.84
N GLY A 14 0.44 -1.91 0.61
CA GLY A 14 -0.39 -1.26 1.59
C GLY A 14 -0.23 0.25 1.47
N VAL A 15 -1.36 0.97 1.40
CA VAL A 15 -1.39 2.41 1.50
C VAL A 15 -1.11 2.71 2.98
N ARG A 16 -0.14 3.58 3.28
CA ARG A 16 0.31 3.88 4.61
C ARG A 16 -0.38 5.18 5.01
N GLY A 17 -1.63 5.04 5.45
CA GLY A 17 -2.65 6.03 5.58
C GLY A 17 -3.80 5.05 5.70
#